data_6X4K
#
_entry.id   6X4K
#
_cell.length_a   98.485
_cell.length_b   98.485
_cell.length_c   69.016
_cell.angle_alpha   90.000
_cell.angle_beta   90.000
_cell.angle_gamma   120.000
#
_symmetry.space_group_name_H-M   'P 31 2 1'
#
loop_
_entity.id
_entity.type
_entity.pdbx_description
1 polymer 'Pantothenate kinase 3'
2 non-polymer 4-(6-cyanopyridazin-3-yl)-N-[4-(propan-2-yl)phenyl]-3,4-dihydropyrazine-1(2H)-carboxamide
3 non-polymer 'PHOSPHOAMINOPHOSPHONIC ACID-ADENYLATE ESTER'
4 non-polymer 'MAGNESIUM ION'
5 non-polymer 1,2-ETHANEDIOL
6 non-polymer 'CHLORIDE ION'
7 water water
#
_entity_poly.entity_id   1
_entity_poly.type   'polypeptide(L)'
_entity_poly.pdbx_seq_one_letter_code
;MGSSHHHHHHSSGLVPRGSPWFGMDIGGTLVKLSYFEPIDITAEEEQEEVESLKSIRKYLTSNVAYGSTGIRDVHLELKD
LTLFGRRGNLHFIRFPTQDLPTFIQMGRDKNFSTLQTVLCATGGGAYKFEKDFRTIGNLHLHKLDELDCLVKGLLYIDSV
SFNGQAECYYFANASEPERCQKMPFNLDDPYPLLVVNIGSGVSILAVHSKDNYKRVTGTSLGGGTFLGLCSLLTGCESFE
EALEMASKGDSTQADKLVRDIYGGDYERFGLPGWAVASSFGNMIYKEKRESVSKEDLARATLVTITNNIGSVARMCAVNE
KINRVVFVGNFLRVNTLSMKLLAYALDYWSKGQLKALFLEHEGYFGAVGALLGLPNFSDD
;
_entity_poly.pdbx_strand_id   A
#
loop_
_chem_comp.id
_chem_comp.type
_chem_comp.name
_chem_comp.formula
ANP non-polymer 'PHOSPHOAMINOPHOSPHONIC ACID-ADENYLATE ESTER' 'C10 H17 N6 O12 P3'
CL non-polymer 'CHLORIDE ION' 'Cl -1'
EDO non-polymer 1,2-ETHANEDIOL 'C2 H6 O2'
MG non-polymer 'MAGNESIUM ION' 'Mg 2'
UOP non-polymer 4-(6-cyanopyridazin-3-yl)-N-[4-(propan-2-yl)phenyl]-3,4-dihydropyrazine-1(2H)-carboxamide 'C19 H20 N6 O'
#
# COMPACT_ATOMS: atom_id res chain seq x y z
N SER A 19 12.24 25.44 7.95
CA SER A 19 12.31 24.30 7.05
C SER A 19 10.94 23.62 6.93
N PRO A 20 10.60 23.15 5.72
CA PRO A 20 9.32 22.45 5.54
C PRO A 20 9.33 21.09 6.23
N TRP A 21 8.14 20.64 6.62
CA TRP A 21 7.98 19.38 7.34
C TRP A 21 7.55 18.28 6.36
N PHE A 22 8.51 17.45 5.96
CA PHE A 22 8.32 16.29 5.09
C PHE A 22 8.59 15.01 5.87
N GLY A 23 7.90 13.95 5.50
CA GLY A 23 8.36 12.59 5.78
C GLY A 23 8.36 11.83 4.47
N MET A 24 9.40 11.00 4.26
CA MET A 24 9.59 10.34 2.98
C MET A 24 9.85 8.85 3.15
N ASP A 25 9.12 8.03 2.40
CA ASP A 25 9.32 6.59 2.37
C ASP A 25 9.78 6.23 0.95
N ILE A 26 11.05 5.88 0.79
CA ILE A 26 11.60 5.56 -0.52
C ILE A 26 11.57 4.04 -0.67
N GLY A 27 10.58 3.54 -1.41
CA GLY A 27 10.43 2.12 -1.62
C GLY A 27 11.18 1.61 -2.84
N GLY A 28 11.09 0.30 -3.05
CA GLY A 28 11.68 -0.28 -4.25
C GLY A 28 11.05 0.24 -5.53
N THR A 29 9.76 0.61 -5.48
CA THR A 29 9.02 1.04 -6.67
C THR A 29 8.57 2.50 -6.59
N LEU A 30 7.96 2.91 -5.47
CA LEU A 30 7.38 4.24 -5.33
C LEU A 30 8.01 5.00 -4.18
N VAL A 31 8.22 6.29 -4.38
CA VAL A 31 8.53 7.18 -3.27
C VAL A 31 7.22 7.75 -2.76
N LYS A 32 7.02 7.72 -1.45
CA LYS A 32 5.87 8.32 -0.83
C LYS A 32 6.34 9.46 0.06
N LEU A 33 5.61 10.56 0.00
CA LEU A 33 5.99 11.79 0.67
C LEU A 33 4.77 12.35 1.39
N SER A 34 4.89 12.56 2.70
CA SER A 34 3.89 13.30 3.46
C SER A 34 4.41 14.70 3.73
N TYR A 35 3.57 15.70 3.45
CA TYR A 35 3.95 17.10 3.63
C TYR A 35 2.91 17.81 4.47
N PHE A 36 3.36 18.50 5.52
CA PHE A 36 2.47 19.23 6.43
C PHE A 36 2.47 20.71 6.04
N GLU A 37 1.34 21.18 5.53
CA GLU A 37 1.17 22.58 5.15
C GLU A 37 0.59 23.35 6.33
N PRO A 38 1.37 24.22 6.99
CA PRO A 38 0.80 25.02 8.08
C PRO A 38 -0.27 25.98 7.53
N ILE A 39 -1.36 26.10 8.27
CA ILE A 39 -2.45 27.00 7.89
C ILE A 39 -2.68 28.09 8.92
N ASP A 40 -1.88 28.14 9.99
CA ASP A 40 -1.95 29.18 11.01
C ASP A 40 -0.75 30.12 10.92
N ILE A 41 -0.33 30.44 9.70
CA ILE A 41 0.84 31.29 9.50
C ILE A 41 0.48 32.71 9.90
N THR A 42 1.17 33.24 10.90
CA THR A 42 0.87 34.57 11.42
C THR A 42 1.46 35.64 10.50
N ALA A 43 1.08 36.90 10.80
CA ALA A 43 1.53 38.04 10.01
C ALA A 43 3.06 38.17 10.03
N GLU A 44 3.64 38.14 11.24
CA GLU A 44 5.09 38.19 11.35
C GLU A 44 5.74 37.00 10.65
N GLU A 45 5.16 35.80 10.79
CA GLU A 45 5.75 34.62 10.16
C GLU A 45 5.76 34.74 8.64
N GLU A 46 4.66 35.23 8.05
CA GLU A 46 4.58 35.37 6.60
C GLU A 46 5.65 36.32 6.06
N GLN A 47 5.96 37.38 6.80
CA GLN A 47 7.01 38.31 6.35
C GLN A 47 8.40 37.74 6.55
N GLU A 48 8.60 36.90 7.57
CA GLU A 48 9.92 36.42 7.94
C GLU A 48 10.23 35.04 7.37
N GLU A 49 9.65 34.69 6.23
CA GLU A 49 9.91 33.41 5.58
C GLU A 49 10.64 33.65 4.27
N VAL A 50 11.62 32.81 3.97
CA VAL A 50 12.45 33.04 2.80
C VAL A 50 11.68 32.60 1.56
N GLU A 51 11.89 33.33 0.45
CA GLU A 51 11.10 33.11 -0.75
C GLU A 51 11.14 31.65 -1.21
N SER A 52 12.26 30.96 -1.01
CA SER A 52 12.33 29.55 -1.40
C SER A 52 11.35 28.72 -0.60
N LEU A 53 11.25 28.98 0.71
CA LEU A 53 10.24 28.32 1.53
C LEU A 53 8.84 28.66 1.03
N LYS A 54 8.60 29.92 0.68
CA LYS A 54 7.33 30.33 0.11
C LYS A 54 7.05 29.58 -1.19
N SER A 55 8.04 29.52 -2.08
CA SER A 55 7.81 28.93 -3.40
C SER A 55 7.55 27.43 -3.30
N ILE A 56 8.24 26.74 -2.39
CA ILE A 56 7.98 25.32 -2.16
C ILE A 56 6.52 25.11 -1.77
N ARG A 57 6.07 25.79 -0.71
CA ARG A 57 4.70 25.65 -0.25
C ARG A 57 3.70 25.94 -1.38
N LYS A 58 3.99 26.98 -2.17
CA LYS A 58 3.09 27.35 -3.27
C LYS A 58 3.08 26.29 -4.36
N TYR A 59 4.26 25.83 -4.76
CA TYR A 59 4.36 24.81 -5.80
C TYR A 59 3.58 23.57 -5.41
N LEU A 60 3.69 23.17 -4.15
CA LEU A 60 3.13 21.89 -3.72
C LEU A 60 1.62 21.96 -3.56
N THR A 61 1.09 23.11 -3.10
CA THR A 61 -0.34 23.25 -2.85
C THR A 61 -1.13 23.80 -4.04
N SER A 62 -0.46 24.35 -5.06
CA SER A 62 -1.17 24.84 -6.24
C SER A 62 -1.14 23.87 -7.41
N ASN A 63 -0.42 22.75 -7.30
CA ASN A 63 -0.34 21.75 -8.35
C ASN A 63 -0.73 20.40 -7.78
N VAL A 64 -1.37 19.59 -8.61
CA VAL A 64 -1.66 18.21 -8.25
C VAL A 64 -0.87 17.22 -9.08
N ALA A 65 -0.24 17.65 -10.16
CA ALA A 65 0.75 16.86 -10.88
C ALA A 65 2.06 17.60 -10.77
N TYR A 66 3.13 16.88 -10.47
CA TYR A 66 4.45 17.48 -10.34
C TYR A 66 5.35 16.87 -11.41
N GLY A 67 5.84 17.69 -12.33
CA GLY A 67 6.50 17.16 -13.50
C GLY A 67 5.60 16.16 -14.21
N SER A 68 6.22 15.12 -14.77
CA SER A 68 5.51 14.12 -15.55
C SER A 68 5.09 12.90 -14.76
N THR A 69 5.61 12.71 -13.53
CA THR A 69 5.29 11.49 -12.79
C THR A 69 4.94 11.70 -11.32
N GLY A 70 5.03 12.91 -10.77
CA GLY A 70 4.59 13.12 -9.39
C GLY A 70 3.09 13.38 -9.34
N ILE A 71 2.44 12.75 -8.35
CA ILE A 71 0.99 12.91 -8.15
C ILE A 71 0.72 13.27 -6.69
N ARG A 72 -0.13 14.26 -6.47
CA ARG A 72 -0.69 14.50 -5.15
C ARG A 72 -2.06 13.83 -5.07
N ASP A 73 -2.23 12.94 -4.09
CA ASP A 73 -3.50 12.26 -3.86
C ASP A 73 -4.38 13.20 -3.03
N VAL A 74 -5.07 14.10 -3.73
CA VAL A 74 -5.82 15.17 -3.05
C VAL A 74 -6.91 14.59 -2.13
N HIS A 75 -7.53 13.48 -2.55
CA HIS A 75 -8.65 12.95 -1.79
C HIS A 75 -8.23 12.42 -0.42
N LEU A 76 -6.94 12.19 -0.19
CA LEU A 76 -6.43 11.67 1.08
C LEU A 76 -6.06 12.76 2.08
N GLU A 77 -6.02 14.01 1.65
CA GLU A 77 -5.56 15.12 2.49
C GLU A 77 -6.26 15.13 3.84
N LEU A 78 -5.48 15.29 4.90
CA LEU A 78 -6.03 15.49 6.24
C LEU A 78 -6.02 16.98 6.52
N LYS A 79 -7.21 17.58 6.67
CA LYS A 79 -7.34 19.02 6.82
C LYS A 79 -7.44 19.40 8.30
N ASP A 80 -6.88 20.55 8.62
CA ASP A 80 -6.96 21.16 9.96
C ASP A 80 -6.48 20.18 11.03
N LEU A 81 -5.35 19.55 10.75
CA LEU A 81 -4.71 18.67 11.70
C LEU A 81 -3.76 19.48 12.58
N THR A 82 -3.74 19.16 13.87
CA THR A 82 -2.78 19.74 14.79
C THR A 82 -1.59 18.81 14.92
N LEU A 83 -0.42 19.29 14.52
CA LEU A 83 0.77 18.47 14.58
C LEU A 83 1.94 19.33 15.04
N PHE A 84 2.66 18.83 16.05
CA PHE A 84 3.78 19.57 16.64
C PHE A 84 3.33 20.95 17.10
N GLY A 85 2.08 21.03 17.59
CA GLY A 85 1.55 22.27 18.10
C GLY A 85 1.15 23.30 17.06
N ARG A 86 1.04 22.91 15.79
CA ARG A 86 0.60 23.79 14.73
C ARG A 86 -0.57 23.16 14.01
N ARG A 87 -1.52 23.99 13.56
CA ARG A 87 -2.59 23.51 12.70
C ARG A 87 -2.14 23.57 11.26
N GLY A 88 -2.50 22.55 10.50
CA GLY A 88 -2.18 22.51 9.09
C GLY A 88 -2.88 21.38 8.39
N ASN A 89 -2.54 21.21 7.12
CA ASN A 89 -3.08 20.15 6.28
C ASN A 89 -1.98 19.15 5.99
N LEU A 90 -2.29 17.87 6.10
CA LEU A 90 -1.33 16.84 5.79
C LEU A 90 -1.58 16.36 4.36
N HIS A 91 -0.56 16.50 3.50
CA HIS A 91 -0.67 16.11 2.09
C HIS A 91 0.09 14.83 1.81
N PHE A 92 -0.37 14.11 0.79
CA PHE A 92 0.14 12.80 0.42
C PHE A 92 0.51 12.80 -1.06
N ILE A 93 1.78 12.55 -1.34
CA ILE A 93 2.38 12.73 -2.66
C ILE A 93 3.19 11.47 -2.98
N ARG A 94 3.15 11.05 -4.25
CA ARG A 94 3.89 9.86 -4.66
C ARG A 94 4.53 10.09 -6.03
N PHE A 95 5.63 9.39 -6.28
CA PHE A 95 6.26 9.36 -7.60
C PHE A 95 7.17 8.13 -7.66
N PRO A 96 7.54 7.69 -8.86
CA PRO A 96 8.37 6.48 -8.97
C PRO A 96 9.77 6.70 -8.42
N THR A 97 10.27 5.69 -7.72
CA THR A 97 11.63 5.75 -7.21
C THR A 97 12.62 5.97 -8.34
N GLN A 98 12.32 5.43 -9.51
CA GLN A 98 13.12 5.65 -10.71
C GLN A 98 13.36 7.13 -10.99
N ASP A 99 12.43 8.01 -10.57
CA ASP A 99 12.57 9.44 -10.85
C ASP A 99 13.12 10.22 -9.67
N LEU A 100 13.58 9.53 -8.61
CA LEU A 100 14.20 10.23 -7.50
C LEU A 100 15.38 11.12 -7.93
N PRO A 101 16.26 10.73 -8.86
CA PRO A 101 17.31 11.69 -9.30
C PRO A 101 16.76 13.03 -9.73
N THR A 102 15.63 13.04 -10.44
CA THR A 102 14.99 14.29 -10.81
C THR A 102 14.55 15.08 -9.59
N PHE A 103 13.90 14.42 -8.62
CA PHE A 103 13.52 15.08 -7.39
C PHE A 103 14.73 15.69 -6.68
N ILE A 104 15.83 14.93 -6.62
CA ILE A 104 17.02 15.43 -5.93
C ILE A 104 17.66 16.58 -6.70
N GLN A 105 17.62 16.52 -8.03
CA GLN A 105 18.13 17.61 -8.86
C GLN A 105 17.33 18.89 -8.63
N MET A 106 16.00 18.80 -8.60
CA MET A 106 15.19 19.96 -8.24
C MET A 106 15.58 20.50 -6.87
N GLY A 107 15.88 19.60 -5.93
CA GLY A 107 16.29 20.01 -4.60
C GLY A 107 17.59 20.79 -4.56
N ARG A 108 18.44 20.66 -5.58
CA ARG A 108 19.69 21.41 -5.65
C ARG A 108 19.57 22.71 -6.44
N ASP A 109 18.36 23.10 -6.84
CA ASP A 109 18.15 24.41 -7.42
C ASP A 109 17.95 25.46 -6.33
N LYS A 110 17.98 26.72 -6.73
CA LYS A 110 17.84 27.79 -5.74
C LYS A 110 16.59 28.63 -5.99
N THR A 117 16.89 22.26 5.93
CA THR A 117 15.90 21.18 5.84
C THR A 117 16.39 19.88 6.48
N VAL A 118 15.56 19.32 7.35
CA VAL A 118 15.80 18.01 7.96
C VAL A 118 14.83 17.04 7.33
N LEU A 119 15.37 15.99 6.72
CA LEU A 119 14.56 15.01 6.00
C LEU A 119 14.60 13.71 6.77
N CYS A 120 13.46 13.34 7.35
CA CYS A 120 13.27 12.04 7.94
C CYS A 120 12.84 11.10 6.82
N ALA A 121 13.62 10.04 6.60
CA ALA A 121 13.46 9.15 5.46
C ALA A 121 13.47 7.70 5.94
N THR A 122 12.62 6.88 5.34
CA THR A 122 12.55 5.47 5.63
C THR A 122 12.44 4.71 4.33
N GLY A 123 12.19 3.40 4.39
CA GLY A 123 12.27 2.56 3.22
C GLY A 123 13.71 2.21 2.85
N GLY A 124 13.86 1.20 1.99
CA GLY A 124 15.18 0.79 1.56
C GLY A 124 16.00 1.92 0.94
N GLY A 125 15.34 2.83 0.22
CA GLY A 125 16.07 3.90 -0.47
C GLY A 125 16.63 4.97 0.43
N ALA A 126 16.20 5.02 1.71
CA ALA A 126 16.85 5.92 2.66
C ALA A 126 18.29 5.53 2.87
N TYR A 127 18.60 4.22 2.76
CA TYR A 127 19.98 3.73 2.80
C TYR A 127 20.63 3.76 1.42
N LYS A 128 19.94 3.23 0.41
CA LYS A 128 20.52 3.14 -0.93
C LYS A 128 20.90 4.52 -1.46
N PHE A 129 20.03 5.51 -1.27
CA PHE A 129 20.25 6.83 -1.83
C PHE A 129 20.72 7.84 -0.81
N GLU A 130 21.23 7.38 0.34
CA GLU A 130 21.74 8.30 1.37
C GLU A 130 22.74 9.30 0.80
N LYS A 131 23.74 8.80 0.07
CA LYS A 131 24.77 9.70 -0.45
C LYS A 131 24.20 10.69 -1.45
N ASP A 132 23.14 10.32 -2.15
CA ASP A 132 22.54 11.25 -3.09
C ASP A 132 21.85 12.40 -2.36
N PHE A 133 21.10 12.10 -1.28
CA PHE A 133 20.46 13.17 -0.53
C PHE A 133 21.47 14.16 0.03
N ARG A 134 22.69 13.72 0.33
CA ARG A 134 23.66 14.63 0.87
C ARG A 134 24.32 15.52 -0.18
N THR A 135 24.05 15.30 -1.48
CA THR A 135 24.44 16.30 -2.47
C THR A 135 23.67 17.60 -2.30
N ILE A 136 22.53 17.56 -1.59
CA ILE A 136 21.79 18.76 -1.23
C ILE A 136 22.48 19.34 0.00
N GLY A 137 23.23 20.42 -0.20
CA GLY A 137 24.03 20.96 0.88
C GLY A 137 23.20 21.36 2.08
N ASN A 138 23.81 21.24 3.27
CA ASN A 138 23.18 21.62 4.54
C ASN A 138 21.88 20.87 4.81
N LEU A 139 21.61 19.79 4.07
CA LEU A 139 20.45 18.94 4.34
C LEU A 139 20.87 17.83 5.28
N HIS A 140 20.08 17.60 6.32
CA HIS A 140 20.36 16.56 7.31
C HIS A 140 19.39 15.40 7.08
N LEU A 141 19.95 14.23 6.78
CA LEU A 141 19.17 13.03 6.54
C LEU A 141 19.15 12.16 7.80
N HIS A 142 17.96 11.82 8.27
CA HIS A 142 17.82 10.90 9.39
C HIS A 142 17.06 9.69 8.89
N LYS A 143 17.74 8.54 8.88
CA LYS A 143 17.14 7.31 8.37
C LYS A 143 16.35 6.64 9.49
N LEU A 144 15.14 6.19 9.20
CA LEU A 144 14.27 5.52 10.17
C LEU A 144 13.78 4.19 9.59
N ASP A 145 13.49 3.23 10.46
CA ASP A 145 13.22 1.88 9.97
C ASP A 145 11.88 1.76 9.28
N GLU A 146 11.88 1.02 8.15
CA GLU A 146 10.73 0.94 7.24
C GLU A 146 9.49 0.43 7.96
N LEU A 147 9.66 -0.34 9.01
CA LEU A 147 8.49 -0.94 9.64
C LEU A 147 8.15 -0.32 11.00
N ASP A 148 9.11 0.25 11.73
CA ASP A 148 8.74 1.15 12.82
C ASP A 148 7.89 2.32 12.31
N CYS A 149 8.28 2.90 11.17
CA CYS A 149 7.53 4.02 10.61
C CYS A 149 6.14 3.60 10.19
N LEU A 150 6.03 2.43 9.55
CA LEU A 150 4.73 1.87 9.19
C LEU A 150 3.80 1.79 10.41
N VAL A 151 4.29 1.19 11.49
CA VAL A 151 3.45 0.99 12.67
C VAL A 151 3.03 2.32 13.27
N LYS A 152 4.00 3.22 13.48
CA LYS A 152 3.72 4.54 14.02
C LYS A 152 2.76 5.31 13.10
N GLY A 153 2.99 5.26 11.79
CA GLY A 153 2.14 6.00 10.86
C GLY A 153 0.71 5.50 10.85
N LEU A 154 0.55 4.17 10.85
CA LEU A 154 -0.78 3.56 10.82
C LEU A 154 -1.58 3.89 12.07
N LEU A 155 -0.96 3.76 13.24
CA LEU A 155 -1.67 4.03 14.48
C LEU A 155 -2.02 5.51 14.58
N TYR A 156 -1.16 6.39 14.06
CA TYR A 156 -1.44 7.81 14.12
C TYR A 156 -2.61 8.19 13.24
N ILE A 157 -2.57 7.78 11.95
CA ILE A 157 -3.64 8.17 11.04
C ILE A 157 -4.98 7.66 11.55
N ASP A 158 -5.01 6.42 12.03
CA ASP A 158 -6.27 5.90 12.55
C ASP A 158 -6.73 6.67 13.77
N SER A 159 -5.79 7.16 14.59
CA SER A 159 -6.17 7.84 15.82
C SER A 159 -6.74 9.21 15.54
N VAL A 160 -6.23 9.92 14.52
CA VAL A 160 -6.77 11.25 14.21
C VAL A 160 -7.99 11.18 13.31
N SER A 161 -8.30 10.01 12.76
CA SER A 161 -9.40 9.74 11.84
C SER A 161 -9.14 10.38 10.48
N PHE A 162 -9.94 9.98 9.49
CA PHE A 162 -9.87 10.50 8.12
C PHE A 162 -10.90 11.63 7.99
N ASN A 163 -10.50 12.82 8.46
CA ASN A 163 -11.37 14.00 8.50
C ASN A 163 -12.71 13.66 9.14
N GLY A 164 -12.67 12.88 10.22
CA GLY A 164 -13.86 12.52 10.95
C GLY A 164 -14.48 11.19 10.57
N GLN A 165 -14.11 10.64 9.42
CA GLN A 165 -14.54 9.32 9.00
C GLN A 165 -13.52 8.25 9.43
N ALA A 166 -13.97 7.00 9.44
CA ALA A 166 -13.09 5.91 9.81
C ALA A 166 -11.96 5.78 8.81
N GLU A 167 -10.73 5.68 9.32
CA GLU A 167 -9.62 5.35 8.46
C GLU A 167 -9.65 3.88 8.06
N CYS A 168 -10.21 3.01 8.91
CA CYS A 168 -10.20 1.57 8.67
C CYS A 168 -11.58 1.11 8.19
N TYR A 169 -11.59 0.19 7.22
CA TYR A 169 -12.83 -0.37 6.70
C TYR A 169 -12.65 -1.83 6.33
N TYR A 170 -13.78 -2.53 6.21
CA TYR A 170 -13.84 -3.92 5.75
C TYR A 170 -14.99 -4.07 4.77
N PHE A 171 -15.14 -5.26 4.21
CA PHE A 171 -16.24 -5.58 3.32
C PHE A 171 -17.19 -6.52 4.05
N ALA A 172 -18.35 -5.98 4.45
CA ALA A 172 -19.36 -6.75 5.15
C ALA A 172 -19.97 -7.78 4.21
N ASN A 173 -20.26 -8.96 4.76
CA ASN A 173 -20.88 -10.05 4.01
C ASN A 173 -20.14 -10.29 2.69
N ALA A 174 -18.82 -10.36 2.80
CA ALA A 174 -17.94 -10.56 1.65
C ALA A 174 -18.15 -11.90 0.95
N SER A 175 -18.84 -12.84 1.59
CA SER A 175 -19.19 -14.10 0.94
C SER A 175 -20.33 -13.95 -0.06
N GLU A 176 -21.13 -12.89 0.06
CA GLU A 176 -22.35 -12.72 -0.74
C GLU A 176 -22.26 -11.47 -1.60
N PRO A 177 -22.22 -11.59 -2.93
CA PRO A 177 -21.96 -10.40 -3.77
C PRO A 177 -23.09 -9.40 -3.79
N GLU A 178 -24.36 -9.84 -3.70
CA GLU A 178 -25.47 -8.89 -3.64
C GLU A 178 -25.46 -8.10 -2.34
N ARG A 179 -24.71 -8.53 -1.34
CA ARG A 179 -24.64 -7.86 -0.05
C ARG A 179 -23.31 -7.18 0.23
N CYS A 180 -22.23 -7.65 -0.40
CA CYS A 180 -20.88 -7.21 -0.08
C CYS A 180 -20.72 -5.71 -0.28
N GLN A 181 -20.35 -5.00 0.79
CA GLN A 181 -20.24 -3.56 0.72
C GLN A 181 -19.23 -3.05 1.75
N LYS A 182 -18.52 -2.00 1.37
CA LYS A 182 -17.56 -1.35 2.26
C LYS A 182 -18.27 -0.77 3.49
N MET A 183 -17.73 -1.06 4.67
CA MET A 183 -18.27 -0.61 5.96
C MET A 183 -17.11 -0.20 6.86
N PRO A 184 -17.27 0.86 7.65
CA PRO A 184 -16.18 1.30 8.55
C PRO A 184 -15.92 0.30 9.66
N PHE A 185 -14.71 0.36 10.23
CA PHE A 185 -14.29 -0.58 11.26
C PHE A 185 -13.45 0.14 12.31
N ASN A 186 -13.74 -0.13 13.59
CA ASN A 186 -13.14 0.63 14.67
C ASN A 186 -11.88 -0.05 15.19
N LEU A 187 -10.79 0.71 15.29
CA LEU A 187 -9.52 0.23 15.83
C LEU A 187 -9.09 1.03 17.06
N ASP A 188 -10.03 1.33 17.96
CA ASP A 188 -9.68 2.11 19.15
C ASP A 188 -8.76 1.34 20.08
N ASP A 189 -8.98 0.04 20.24
CA ASP A 189 -8.03 -0.85 20.91
C ASP A 189 -7.45 -1.74 19.82
N PRO A 190 -6.37 -1.31 19.16
CA PRO A 190 -5.98 -1.95 17.91
C PRO A 190 -5.02 -3.11 18.10
N TYR A 191 -4.99 -3.71 19.28
CA TYR A 191 -4.05 -4.79 19.50
C TYR A 191 -4.78 -6.05 19.94
N PRO A 192 -4.30 -7.23 19.53
CA PRO A 192 -3.19 -7.38 18.58
C PRO A 192 -3.65 -7.15 17.13
N LEU A 193 -2.70 -6.98 16.21
CA LEU A 193 -3.01 -6.70 14.81
C LEU A 193 -1.97 -7.37 13.93
N LEU A 194 -2.41 -8.02 12.85
CA LEU A 194 -1.50 -8.50 11.80
C LEU A 194 -1.53 -7.50 10.64
N VAL A 195 -0.38 -6.91 10.36
CA VAL A 195 -0.26 -5.94 9.27
C VAL A 195 0.44 -6.63 8.10
N VAL A 196 -0.20 -6.61 6.95
CA VAL A 196 0.32 -7.24 5.73
C VAL A 196 0.67 -6.13 4.76
N ASN A 197 1.96 -5.86 4.60
CA ASN A 197 2.43 -4.74 3.82
C ASN A 197 2.79 -5.26 2.42
N ILE A 198 1.91 -4.97 1.47
CA ILE A 198 2.05 -5.46 0.09
C ILE A 198 2.65 -4.32 -0.72
N GLY A 199 3.98 -4.28 -0.79
CA GLY A 199 4.72 -3.41 -1.71
C GLY A 199 5.20 -4.16 -2.93
N SER A 200 6.46 -3.89 -3.33
CA SER A 200 7.14 -4.74 -4.30
C SER A 200 7.04 -6.21 -3.87
N GLY A 201 7.46 -6.49 -2.65
CA GLY A 201 7.22 -7.74 -1.97
C GLY A 201 6.25 -7.55 -0.83
N VAL A 202 6.24 -8.51 0.08
CA VAL A 202 5.31 -8.50 1.19
C VAL A 202 6.09 -8.66 2.49
N SER A 203 5.79 -7.79 3.46
CA SER A 203 6.21 -7.98 4.84
C SER A 203 4.98 -8.20 5.69
N ILE A 204 5.06 -9.14 6.62
CA ILE A 204 3.98 -9.44 7.54
C ILE A 204 4.45 -9.15 8.96
N LEU A 205 3.69 -8.31 9.68
CA LEU A 205 4.02 -7.86 11.01
C LEU A 205 2.96 -8.29 12.00
N ALA A 206 3.39 -8.69 13.19
CA ALA A 206 2.52 -8.95 14.33
C ALA A 206 2.72 -7.80 15.32
N VAL A 207 1.68 -7.00 15.50
CA VAL A 207 1.74 -5.81 16.33
C VAL A 207 1.00 -6.13 17.62
N HIS A 208 1.73 -6.21 18.73
CA HIS A 208 1.17 -6.54 20.03
C HIS A 208 0.91 -5.32 20.89
N SER A 209 1.65 -4.24 20.69
CA SER A 209 1.42 -3.00 21.41
C SER A 209 2.03 -1.88 20.58
N LYS A 210 1.87 -0.64 21.06
CA LYS A 210 2.46 0.50 20.36
C LYS A 210 3.97 0.37 20.27
N ASP A 211 4.59 -0.30 21.24
CA ASP A 211 6.04 -0.46 21.30
C ASP A 211 6.52 -1.88 21.03
N ASN A 212 5.61 -2.84 20.82
CA ASN A 212 5.98 -4.25 20.74
C ASN A 212 5.41 -4.86 19.46
N TYR A 213 6.27 -5.08 18.47
CA TYR A 213 5.85 -5.62 17.19
C TYR A 213 7.04 -6.33 16.57
N LYS A 214 6.77 -7.37 15.79
CA LYS A 214 7.81 -8.08 15.09
C LYS A 214 7.39 -8.38 13.66
N ARG A 215 8.37 -8.47 12.77
CA ARG A 215 8.15 -8.96 11.41
C ARG A 215 8.06 -10.49 11.47
N VAL A 216 6.85 -11.04 11.30
CA VAL A 216 6.68 -12.48 11.39
C VAL A 216 7.42 -13.19 10.26
N THR A 217 7.20 -12.73 9.04
CA THR A 217 7.81 -13.31 7.86
C THR A 217 7.60 -12.32 6.73
N GLY A 218 7.85 -12.77 5.50
CA GLY A 218 7.46 -12.03 4.31
C GLY A 218 7.32 -13.00 3.18
N THR A 219 6.94 -12.48 2.02
CA THR A 219 6.97 -13.27 0.80
C THR A 219 7.47 -12.37 -0.32
N SER A 220 8.11 -12.98 -1.31
CA SER A 220 8.60 -12.26 -2.47
C SER A 220 7.58 -12.23 -3.59
N LEU A 221 6.38 -12.78 -3.37
CA LEU A 221 5.31 -12.71 -4.35
C LEU A 221 4.40 -11.54 -3.99
N GLY A 222 4.70 -10.35 -4.52
CA GLY A 222 4.02 -9.15 -4.12
C GLY A 222 3.58 -8.31 -5.29
N GLY A 223 3.44 -7.01 -5.04
CA GLY A 223 3.01 -6.10 -6.09
C GLY A 223 3.92 -6.10 -7.31
N GLY A 224 5.23 -6.23 -7.08
CA GLY A 224 6.16 -6.24 -8.20
C GLY A 224 6.07 -7.50 -9.04
N THR A 225 5.74 -8.63 -8.43
CA THR A 225 5.47 -9.87 -9.17
C THR A 225 4.25 -9.72 -10.05
N PHE A 226 3.17 -9.14 -9.52
CA PHE A 226 1.99 -8.91 -10.34
C PHE A 226 2.35 -8.04 -11.54
N LEU A 227 3.01 -6.91 -11.29
CA LEU A 227 3.31 -5.97 -12.36
C LEU A 227 4.35 -6.52 -13.34
N GLY A 228 5.41 -7.14 -12.80
CA GLY A 228 6.42 -7.73 -13.67
C GLY A 228 5.90 -8.84 -14.55
N LEU A 229 5.21 -9.83 -13.96
CA LEU A 229 4.69 -10.95 -14.75
C LEU A 229 3.67 -10.45 -15.76
N CYS A 230 2.78 -9.57 -15.31
CA CYS A 230 1.78 -9.01 -16.20
C CYS A 230 2.42 -8.34 -17.40
N SER A 231 3.47 -7.55 -17.15
CA SER A 231 4.15 -6.88 -18.25
C SER A 231 4.77 -7.90 -19.20
N LEU A 232 5.37 -8.96 -18.66
CA LEU A 232 5.93 -10.00 -19.52
C LEU A 232 4.83 -10.70 -20.32
N LEU A 233 3.71 -11.01 -19.66
CA LEU A 233 2.69 -11.83 -20.30
C LEU A 233 1.78 -11.06 -21.23
N THR A 234 1.53 -9.78 -20.95
CA THR A 234 0.53 -9.03 -21.71
C THR A 234 1.05 -7.75 -22.34
N GLY A 235 2.28 -7.34 -22.05
CA GLY A 235 2.78 -6.10 -22.62
C GLY A 235 2.18 -4.84 -22.02
N CYS A 236 1.38 -4.95 -20.96
CA CYS A 236 0.82 -3.76 -20.32
C CYS A 236 1.93 -2.80 -19.93
N GLU A 237 1.64 -1.50 -20.01
CA GLU A 237 2.66 -0.50 -19.74
C GLU A 237 2.47 0.23 -18.40
N SER A 238 1.39 -0.04 -17.68
CA SER A 238 1.20 0.60 -16.40
C SER A 238 0.49 -0.36 -15.45
N PHE A 239 0.63 -0.06 -14.15
CA PHE A 239 -0.15 -0.76 -13.13
C PHE A 239 -1.64 -0.63 -13.41
N GLU A 240 -2.10 0.59 -13.70
CA GLU A 240 -3.52 0.81 -13.97
C GLU A 240 -4.01 0.02 -15.18
N GLU A 241 -3.20 -0.03 -16.24
CA GLU A 241 -3.58 -0.81 -17.42
C GLU A 241 -3.61 -2.30 -17.11
N ALA A 242 -2.66 -2.79 -16.30
CA ALA A 242 -2.69 -4.18 -15.87
C ALA A 242 -4.00 -4.51 -15.16
N LEU A 243 -4.44 -3.63 -14.25
CA LEU A 243 -5.71 -3.86 -13.57
C LEU A 243 -6.89 -3.78 -14.54
N GLU A 244 -6.84 -2.86 -15.49
CA GLU A 244 -7.92 -2.75 -16.48
C GLU A 244 -8.03 -4.04 -17.30
N MET A 245 -6.90 -4.56 -17.77
CA MET A 245 -6.91 -5.85 -18.46
C MET A 245 -7.49 -6.94 -17.57
N ALA A 246 -7.05 -7.00 -16.31
CA ALA A 246 -7.48 -8.06 -15.41
C ALA A 246 -8.98 -8.02 -15.15
N SER A 247 -9.57 -6.82 -15.11
CA SER A 247 -10.99 -6.70 -14.86
C SER A 247 -11.82 -7.28 -15.99
N LYS A 248 -11.26 -7.39 -17.20
CA LYS A 248 -11.96 -7.94 -18.34
C LYS A 248 -11.64 -9.43 -18.55
N GLY A 249 -10.72 -9.99 -17.76
CA GLY A 249 -10.26 -11.34 -18.00
C GLY A 249 -11.02 -12.40 -17.22
N ASP A 250 -10.76 -13.67 -17.58
CA ASP A 250 -11.28 -14.83 -16.87
C ASP A 250 -10.09 -15.68 -16.45
N SER A 251 -9.71 -15.63 -15.17
CA SER A 251 -8.53 -16.37 -14.72
C SER A 251 -8.66 -17.88 -14.89
N THR A 252 -9.88 -18.41 -14.97
CA THR A 252 -10.03 -19.85 -15.08
C THR A 252 -9.61 -20.36 -16.46
N GLN A 253 -9.41 -19.46 -17.43
CA GLN A 253 -8.83 -19.88 -18.69
C GLN A 253 -7.38 -20.33 -18.54
N ALA A 254 -6.65 -19.76 -17.58
CA ALA A 254 -5.25 -20.12 -17.39
C ALA A 254 -5.01 -21.09 -16.26
N ASP A 255 -5.83 -21.00 -15.21
CA ASP A 255 -5.71 -21.80 -13.99
C ASP A 255 -6.39 -23.14 -14.14
N LYS A 256 -5.80 -24.16 -13.51
CA LYS A 256 -6.46 -25.45 -13.38
C LYS A 256 -7.20 -25.49 -12.04
N LEU A 257 -8.49 -25.76 -12.10
CA LEU A 257 -9.33 -25.75 -10.91
C LEU A 257 -9.46 -27.16 -10.35
N VAL A 258 -9.93 -27.22 -9.10
CA VAL A 258 -10.18 -28.51 -8.49
C VAL A 258 -11.10 -29.36 -9.37
N ARG A 259 -12.10 -28.73 -9.98
CA ARG A 259 -13.03 -29.51 -10.80
C ARG A 259 -12.39 -30.00 -12.11
N ASP A 260 -11.32 -29.35 -12.59
CA ASP A 260 -10.63 -29.89 -13.76
C ASP A 260 -9.87 -31.16 -13.44
N ILE A 261 -9.57 -31.42 -12.18
CA ILE A 261 -8.82 -32.60 -11.77
C ILE A 261 -9.74 -33.70 -11.27
N TYR A 262 -10.75 -33.32 -10.49
CA TYR A 262 -11.67 -34.26 -9.88
C TYR A 262 -12.95 -34.47 -10.69
N GLY A 263 -13.30 -33.52 -11.57
CA GLY A 263 -14.62 -33.50 -12.19
C GLY A 263 -15.68 -32.83 -11.34
N GLY A 264 -15.30 -32.28 -10.18
CA GLY A 264 -16.20 -31.58 -9.25
C GLY A 264 -15.44 -31.20 -7.99
N ASP A 265 -16.13 -31.18 -6.85
CA ASP A 265 -15.48 -30.94 -5.56
C ASP A 265 -14.56 -32.09 -5.16
N TYR A 266 -13.55 -31.76 -4.36
CA TYR A 266 -12.79 -32.76 -3.58
C TYR A 266 -13.40 -32.73 -2.18
N GLU A 267 -14.49 -33.49 -2.01
CA GLU A 267 -15.33 -33.38 -0.82
C GLU A 267 -14.57 -33.74 0.45
N ARG A 268 -13.68 -34.74 0.37
CA ARG A 268 -13.06 -35.32 1.55
C ARG A 268 -12.24 -34.30 2.34
N PHE A 269 -11.62 -33.33 1.68
CA PHE A 269 -10.89 -32.28 2.38
C PHE A 269 -11.52 -30.92 2.19
N GLY A 270 -12.81 -30.88 1.90
CA GLY A 270 -13.55 -29.62 1.83
C GLY A 270 -12.99 -28.65 0.83
N LEU A 271 -12.59 -29.12 -0.35
CA LEU A 271 -12.09 -28.23 -1.39
C LEU A 271 -13.15 -28.06 -2.47
N PRO A 272 -13.69 -26.86 -2.66
CA PRO A 272 -14.77 -26.69 -3.64
C PRO A 272 -14.22 -26.85 -5.06
N GLY A 273 -15.09 -27.31 -5.98
CA GLY A 273 -14.69 -27.48 -7.37
C GLY A 273 -14.05 -26.23 -7.97
N TRP A 274 -14.41 -25.05 -7.45
CA TRP A 274 -13.94 -23.79 -8.02
C TRP A 274 -12.59 -23.35 -7.48
N ALA A 275 -12.10 -23.97 -6.39
CA ALA A 275 -10.80 -23.58 -5.87
C ALA A 275 -9.72 -23.82 -6.93
N VAL A 276 -8.73 -22.93 -6.95
CA VAL A 276 -7.60 -23.14 -7.84
C VAL A 276 -6.73 -24.27 -7.29
N ALA A 277 -6.56 -25.33 -8.10
CA ALA A 277 -5.61 -26.39 -7.78
C ALA A 277 -4.20 -26.06 -8.27
N SER A 278 -4.07 -25.41 -9.42
CA SER A 278 -2.75 -25.12 -9.98
C SER A 278 -2.83 -23.80 -10.73
N SER A 279 -2.19 -22.76 -10.20
CA SER A 279 -2.23 -21.46 -10.87
C SER A 279 -1.48 -21.58 -12.19
N PHE A 280 -2.05 -21.03 -13.26
CA PHE A 280 -1.50 -21.17 -14.61
C PHE A 280 -1.38 -22.63 -15.06
N GLY A 281 -1.96 -23.57 -14.31
CA GLY A 281 -1.78 -24.99 -14.62
C GLY A 281 -2.39 -25.42 -15.94
N ASN A 282 -3.39 -24.71 -16.43
CA ASN A 282 -3.91 -25.02 -17.77
C ASN A 282 -3.00 -24.56 -18.87
N MET A 283 -1.97 -23.77 -18.57
CA MET A 283 -1.05 -23.30 -19.59
C MET A 283 -0.01 -24.33 -19.99
N ILE A 284 -0.04 -25.53 -19.40
CA ILE A 284 0.84 -26.59 -19.88
C ILE A 284 0.38 -27.15 -21.20
N TYR A 285 -0.83 -26.80 -21.64
CA TYR A 285 -1.37 -27.35 -22.88
C TYR A 285 -1.20 -26.30 -23.98
N LYS A 286 -0.50 -26.66 -25.04
CA LYS A 286 -0.21 -25.72 -26.12
C LYS A 286 -1.50 -25.11 -26.67
N GLU A 287 -2.54 -25.93 -26.83
CA GLU A 287 -3.79 -25.42 -27.38
C GLU A 287 -4.43 -24.38 -26.46
N LYS A 288 -4.29 -24.53 -25.14
CA LYS A 288 -4.88 -23.53 -24.26
C LYS A 288 -4.04 -22.26 -24.26
N ARG A 289 -2.71 -22.38 -24.33
CA ARG A 289 -1.86 -21.20 -24.45
C ARG A 289 -2.22 -20.39 -25.69
N GLU A 290 -2.57 -21.06 -26.78
CA GLU A 290 -2.89 -20.35 -28.01
C GLU A 290 -4.25 -19.67 -27.98
N SER A 291 -5.16 -20.07 -27.09
CA SER A 291 -6.48 -19.46 -27.04
C SER A 291 -6.68 -18.52 -25.86
N VAL A 292 -5.76 -18.47 -24.90
CA VAL A 292 -5.93 -17.58 -23.74
C VAL A 292 -5.68 -16.14 -24.19
N SER A 293 -6.43 -15.20 -23.61
CA SER A 293 -6.26 -13.80 -23.95
C SER A 293 -5.33 -13.11 -22.96
N LYS A 294 -4.82 -11.95 -23.37
CA LYS A 294 -3.99 -11.15 -22.46
C LYS A 294 -4.78 -10.77 -21.22
N GLU A 295 -6.05 -10.41 -21.37
CA GLU A 295 -6.87 -10.08 -20.21
C GLU A 295 -7.00 -11.28 -19.28
N ASP A 296 -7.19 -12.48 -19.83
CA ASP A 296 -7.21 -13.68 -19.01
C ASP A 296 -5.91 -13.84 -18.24
N LEU A 297 -4.77 -13.64 -18.89
CA LEU A 297 -3.49 -13.79 -18.19
C LEU A 297 -3.29 -12.70 -17.14
N ALA A 298 -3.71 -11.46 -17.44
CA ALA A 298 -3.64 -10.41 -16.42
C ALA A 298 -4.45 -10.80 -15.18
N ARG A 299 -5.66 -11.29 -15.39
CA ARG A 299 -6.49 -11.70 -14.26
C ARG A 299 -5.89 -12.88 -13.51
N ALA A 300 -5.39 -13.88 -14.23
CA ALA A 300 -4.80 -15.01 -13.52
C ALA A 300 -3.59 -14.56 -12.70
N THR A 301 -2.81 -13.60 -13.22
CA THR A 301 -1.68 -13.10 -12.43
C THR A 301 -2.16 -12.42 -11.15
N LEU A 302 -3.16 -11.54 -11.27
CA LEU A 302 -3.70 -10.87 -10.09
C LEU A 302 -4.24 -11.89 -9.08
N VAL A 303 -5.05 -12.83 -9.56
CA VAL A 303 -5.68 -13.79 -8.66
C VAL A 303 -4.62 -14.66 -7.98
N THR A 304 -3.63 -15.12 -8.76
CA THR A 304 -2.52 -15.92 -8.21
C THR A 304 -1.78 -15.16 -7.10
N ILE A 305 -1.38 -13.91 -7.37
CA ILE A 305 -0.66 -13.13 -6.36
C ILE A 305 -1.55 -12.87 -5.15
N THR A 306 -2.80 -12.46 -5.42
CA THR A 306 -3.67 -12.05 -4.32
C THR A 306 -3.99 -13.22 -3.41
N ASN A 307 -4.33 -14.38 -3.99
CA ASN A 307 -4.63 -15.57 -3.18
C ASN A 307 -3.42 -16.04 -2.38
N ASN A 308 -2.21 -15.96 -2.96
CA ASN A 308 -1.03 -16.40 -2.21
C ASN A 308 -0.77 -15.48 -1.01
N ILE A 309 -0.95 -14.17 -1.20
CA ILE A 309 -0.83 -13.23 -0.07
C ILE A 309 -1.86 -13.56 1.01
N GLY A 310 -3.11 -13.78 0.62
CA GLY A 310 -4.13 -14.07 1.59
C GLY A 310 -3.87 -15.37 2.33
N SER A 311 -3.41 -16.39 1.60
CA SER A 311 -3.12 -17.66 2.25
C SER A 311 -1.97 -17.52 3.24
N VAL A 312 -0.91 -16.79 2.86
CA VAL A 312 0.21 -16.58 3.78
C VAL A 312 -0.25 -15.79 4.99
N ALA A 313 -1.05 -14.75 4.76
CA ALA A 313 -1.57 -13.96 5.88
C ALA A 313 -2.39 -14.83 6.80
N ARG A 314 -3.16 -15.77 6.24
CA ARG A 314 -3.99 -16.65 7.05
C ARG A 314 -3.15 -17.57 7.93
N MET A 315 -2.09 -18.15 7.37
CA MET A 315 -1.25 -19.03 8.17
C MET A 315 -0.54 -18.26 9.28
N CYS A 316 -0.12 -17.03 8.99
CA CYS A 316 0.53 -16.23 10.02
C CYS A 316 -0.44 -15.85 11.11
N ALA A 317 -1.65 -15.44 10.73
CA ALA A 317 -2.68 -15.11 11.70
C ALA A 317 -2.92 -16.28 12.64
N VAL A 318 -3.18 -17.47 12.09
CA VAL A 318 -3.42 -18.63 12.92
C VAL A 318 -2.23 -18.89 13.85
N ASN A 319 -1.01 -18.78 13.32
CA ASN A 319 0.17 -19.07 14.14
C ASN A 319 0.39 -18.01 15.21
N GLU A 320 0.11 -16.75 14.91
CA GLU A 320 0.30 -15.68 15.88
C GLU A 320 -0.91 -15.50 16.79
N LYS A 321 -2.00 -16.22 16.53
CA LYS A 321 -3.24 -16.12 17.29
C LYS A 321 -3.85 -14.72 17.18
N ILE A 322 -3.90 -14.19 15.97
CA ILE A 322 -4.42 -12.85 15.70
C ILE A 322 -5.53 -12.98 14.66
N ASN A 323 -6.70 -12.42 14.95
CA ASN A 323 -7.83 -12.59 14.04
C ASN A 323 -8.17 -11.34 13.25
N ARG A 324 -7.48 -10.23 13.48
CA ARG A 324 -7.64 -9.03 12.67
C ARG A 324 -6.40 -8.86 11.80
N VAL A 325 -6.61 -8.87 10.48
CA VAL A 325 -5.53 -8.81 9.51
C VAL A 325 -5.76 -7.58 8.64
N VAL A 326 -4.84 -6.63 8.67
CA VAL A 326 -5.01 -5.39 7.92
C VAL A 326 -4.02 -5.37 6.76
N PHE A 327 -4.50 -5.08 5.56
CA PHE A 327 -3.67 -5.09 4.35
C PHE A 327 -3.36 -3.66 3.93
N VAL A 328 -2.08 -3.35 3.70
CA VAL A 328 -1.64 -2.01 3.30
C VAL A 328 -0.64 -2.12 2.16
N GLY A 329 -0.13 -0.97 1.73
CA GLY A 329 0.77 -0.92 0.60
C GLY A 329 0.02 -0.65 -0.69
N ASN A 330 0.76 -0.25 -1.72
CA ASN A 330 0.11 0.30 -2.90
C ASN A 330 -0.33 -0.75 -3.92
N PHE A 331 -0.02 -2.03 -3.70
CA PHE A 331 -0.61 -3.05 -4.56
C PHE A 331 -2.14 -2.98 -4.55
N LEU A 332 -2.72 -2.53 -3.45
CA LEU A 332 -4.18 -2.41 -3.34
C LEU A 332 -4.74 -1.04 -3.71
N ARG A 333 -3.93 -0.03 -4.04
CA ARG A 333 -4.57 1.22 -4.45
C ARG A 333 -5.27 1.03 -5.78
N VAL A 334 -6.42 1.70 -5.92
CA VAL A 334 -7.39 1.63 -7.01
C VAL A 334 -7.59 0.18 -7.48
N ASN A 335 -7.49 -0.77 -6.54
CA ASN A 335 -7.50 -2.19 -6.84
C ASN A 335 -8.61 -2.88 -6.03
N THR A 336 -9.87 -2.62 -6.38
CA THR A 336 -10.98 -3.23 -5.64
CA THR A 336 -10.97 -3.22 -5.65
C THR A 336 -11.06 -4.72 -5.89
N LEU A 337 -10.64 -5.18 -7.08
CA LEU A 337 -10.59 -6.62 -7.36
C LEU A 337 -9.81 -7.36 -6.29
N SER A 338 -8.56 -6.93 -6.06
CA SER A 338 -7.74 -7.65 -5.08
C SER A 338 -8.30 -7.50 -3.67
N MET A 339 -8.86 -6.33 -3.34
CA MET A 339 -9.41 -6.15 -2.01
C MET A 339 -10.59 -7.08 -1.78
N LYS A 340 -11.54 -7.08 -2.71
CA LYS A 340 -12.69 -7.97 -2.58
C LYS A 340 -12.24 -9.43 -2.59
N LEU A 341 -11.25 -9.76 -3.44
CA LEU A 341 -10.76 -11.14 -3.43
C LEU A 341 -10.17 -11.49 -2.08
N LEU A 342 -9.40 -10.58 -1.49
CA LEU A 342 -8.82 -10.83 -0.16
C LEU A 342 -9.92 -10.93 0.90
N ALA A 343 -10.90 -10.02 0.84
CA ALA A 343 -12.00 -10.07 1.81
C ALA A 343 -12.72 -11.41 1.73
N TYR A 344 -13.03 -11.84 0.51
CA TYR A 344 -13.79 -13.08 0.38
C TYR A 344 -12.93 -14.30 0.72
N ALA A 345 -11.68 -14.33 0.25
CA ALA A 345 -10.85 -15.51 0.45
C ALA A 345 -10.48 -15.69 1.91
N LEU A 346 -10.05 -14.61 2.57
CA LEU A 346 -9.68 -14.71 3.98
C LEU A 346 -10.86 -15.23 4.79
N ASP A 347 -12.05 -14.71 4.52
CA ASP A 347 -13.22 -15.14 5.27
C ASP A 347 -13.60 -16.59 4.95
N TYR A 348 -13.56 -16.95 3.67
CA TYR A 348 -13.94 -18.33 3.30
C TYR A 348 -12.93 -19.34 3.83
N TRP A 349 -11.64 -19.12 3.58
CA TRP A 349 -10.68 -20.16 3.93
C TRP A 349 -10.42 -20.23 5.43
N SER A 350 -10.68 -19.16 6.17
CA SER A 350 -10.57 -19.20 7.63
C SER A 350 -11.87 -19.65 8.29
N LYS A 351 -12.84 -20.11 7.49
CA LYS A 351 -14.16 -20.47 8.00
C LYS A 351 -14.73 -19.36 8.87
N GLY A 352 -14.53 -18.12 8.44
CA GLY A 352 -15.05 -16.96 9.14
C GLY A 352 -14.30 -16.55 10.39
N GLN A 353 -13.12 -17.12 10.63
CA GLN A 353 -12.37 -16.81 11.84
C GLN A 353 -11.54 -15.53 11.72
N LEU A 354 -11.20 -15.11 10.51
CA LEU A 354 -10.35 -13.95 10.30
C LEU A 354 -11.11 -12.90 9.50
N LYS A 355 -10.82 -11.63 9.80
CA LYS A 355 -11.44 -10.49 9.15
C LYS A 355 -10.39 -9.73 8.34
N ALA A 356 -10.67 -9.48 7.07
CA ALA A 356 -9.79 -8.68 6.23
C ALA A 356 -10.12 -7.20 6.38
N LEU A 357 -9.13 -6.41 6.77
CA LEU A 357 -9.30 -4.99 7.04
C LEU A 357 -8.43 -4.18 6.11
N PHE A 358 -8.91 -2.99 5.77
CA PHE A 358 -8.23 -2.11 4.83
C PHE A 358 -8.23 -0.68 5.38
N LEU A 359 -7.29 0.13 4.88
CA LEU A 359 -7.06 1.48 5.39
C LEU A 359 -7.03 2.47 4.23
N GLU A 360 -7.70 3.61 4.39
CA GLU A 360 -7.82 4.57 3.30
C GLU A 360 -6.47 5.12 2.87
N HIS A 361 -5.53 5.24 3.78
CA HIS A 361 -4.24 5.83 3.44
C HIS A 361 -3.20 4.75 3.16
N GLU A 362 -3.65 3.73 2.38
CA GLU A 362 -2.98 2.45 2.14
C GLU A 362 -1.46 2.52 2.10
N GLY A 363 -0.90 3.31 1.18
CA GLY A 363 0.52 3.26 0.93
C GLY A 363 1.40 4.24 1.67
N TYR A 364 0.83 5.10 2.51
CA TYR A 364 1.54 6.28 3.01
C TYR A 364 1.99 6.17 4.46
N PHE A 365 1.75 5.06 5.15
CA PHE A 365 1.97 5.05 6.60
C PHE A 365 3.44 5.22 6.95
N GLY A 366 4.34 4.61 6.19
CA GLY A 366 5.77 4.81 6.44
C GLY A 366 6.18 6.28 6.31
N ALA A 367 5.70 6.96 5.27
CA ALA A 367 6.01 8.37 5.09
C ALA A 367 5.50 9.19 6.26
N VAL A 368 4.30 8.88 6.75
CA VAL A 368 3.75 9.57 7.92
C VAL A 368 4.61 9.26 9.15
N GLY A 369 4.89 7.97 9.38
CA GLY A 369 5.71 7.61 10.54
C GLY A 369 7.07 8.28 10.55
N ALA A 370 7.68 8.43 9.37
CA ALA A 370 8.94 9.16 9.27
C ALA A 370 8.76 10.62 9.67
N LEU A 371 7.70 11.25 9.15
CA LEU A 371 7.42 12.63 9.53
C LEU A 371 7.27 12.77 11.04
N LEU A 372 6.67 11.77 11.68
CA LEU A 372 6.46 11.84 13.12
C LEU A 372 7.77 11.71 13.92
N GLY A 373 8.84 11.20 13.31
CA GLY A 373 10.13 11.16 13.95
C GLY A 373 10.84 12.49 14.05
N LEU A 374 10.23 13.53 13.48
CA LEU A 374 10.88 14.84 13.41
C LEU A 374 11.30 15.39 14.76
N PRO A 375 10.49 15.36 15.83
CA PRO A 375 10.95 15.91 17.12
C PRO A 375 12.22 15.26 17.65
N ASN A 376 12.49 13.99 17.33
CA ASN A 376 13.70 13.31 17.78
C ASN A 376 14.98 13.96 17.25
N PHE A 377 14.89 15.01 16.43
CA PHE A 377 16.07 15.61 15.82
C PHE A 377 16.01 17.13 15.88
C01 UOP B . 11.65 -4.88 0.72
C02 UOP B . 10.81 -5.61 1.77
C03 UOP B . 11.26 -5.25 3.18
C04 UOP B . 10.94 -7.11 1.59
C05 UOP B . 12.20 -7.70 1.75
C06 UOP B . 12.34 -9.06 1.61
C07 UOP B . 11.23 -9.84 1.29
C09 UOP B . 11.17 -12.03 2.35
C11 UOP B . 11.08 -14.13 3.50
C12 UOP B . 11.19 -15.62 3.50
C14 UOP B . 11.83 -17.70 2.21
C17 UOP B . 11.97 -20.36 2.48
C18 UOP B . 12.02 -21.87 2.68
C20 UOP B . 12.46 -19.81 1.30
C21 UOP B . 12.40 -18.41 1.14
C22 UOP B . 11.31 -15.47 1.00
C23 UOP B . 11.80 -14.15 1.11
C25 UOP B . 9.98 -9.27 1.15
C26 UOP B . 9.84 -7.89 1.29
N08 UOP B . 11.41 -11.26 1.16
N10 UOP B . 11.34 -13.46 2.32
N13 UOP B . 11.75 -16.27 2.19
N15 UOP B . 11.40 -18.30 3.29
N16 UOP B . 11.47 -19.63 3.43
N19 UOP B . 12.07 -22.98 2.81
O24 UOP B . 10.82 -11.51 3.34
PG ANP C . 9.07 -1.98 -1.01
O1G ANP C . 9.01 -3.49 -1.05
O2G ANP C . 10.58 -1.55 -1.10
O3G ANP C . 8.39 -1.50 0.35
PB ANP C . 7.34 -0.02 -2.29
O1B ANP C . 7.73 0.87 -3.42
O2B ANP C . 7.43 0.75 -0.94
N3B ANP C . 8.26 -1.40 -2.36
PA ANP C . 4.50 0.22 -2.42
O1A ANP C . 3.76 -0.01 -1.15
O2A ANP C . 4.67 1.70 -2.77
O3A ANP C . 5.90 -0.54 -2.53
O5' ANP C . 3.66 -0.57 -3.55
C5' ANP C . 4.23 -0.82 -4.85
C4' ANP C . 3.27 -1.63 -5.66
O4' ANP C . 2.03 -0.90 -5.83
C3' ANP C . 3.74 -1.97 -7.08
O3' ANP C . 4.44 -3.22 -7.05
C2' ANP C . 2.42 -2.13 -7.85
O2' ANP C . 1.88 -3.44 -7.67
C1' ANP C . 1.47 -1.16 -7.10
N9 ANP C . 1.26 0.13 -7.75
C8 ANP C . 0.16 0.92 -7.56
N7 ANP C . 0.19 2.05 -8.21
C5 ANP C . 1.41 2.02 -8.87
C6 ANP C . 2.04 2.93 -9.73
N6 ANP C . 1.50 4.10 -10.09
N1 ANP C . 3.27 2.59 -10.21
C2 ANP C . 3.81 1.43 -9.85
N3 ANP C . 3.30 0.49 -9.04
C4 ANP C . 2.10 0.85 -8.58
MG MG D . 7.33 0.07 1.02
C1 EDO E . 2.82 7.91 -10.26
O1 EDO E . 2.78 6.82 -11.19
C2 EDO E . 3.44 7.45 -8.94
O2 EDO E . 2.62 6.47 -8.28
C1 EDO F . -13.56 -37.38 -3.04
O1 EDO F . -13.16 -36.72 -1.83
C2 EDO F . -13.88 -36.34 -4.11
O2 EDO F . -15.11 -35.67 -3.81
CL CL G . 20.90 9.06 10.35
#